data_3QAT
#
_entry.id   3QAT
#
_cell.length_a   50.190
_cell.length_b   98.010
_cell.length_c   138.180
_cell.angle_alpha   90.000
_cell.angle_beta   90.000
_cell.angle_gamma   90.000
#
_symmetry.space_group_name_H-M   'P 21 21 21'
#
loop_
_entity.id
_entity.type
_entity.pdbx_description
1 polymer 'Malonyl CoA-acyl carrier protein transacylase'
2 non-polymer 1,2-ETHANEDIOL
3 non-polymer 'CHLORIDE ION'
4 water water
#
_entity_poly.entity_id   1
_entity_poly.type   'polypeptide(L)'
_entity_poly.pdbx_seq_one_letter_code
;GPGSMGAAFTFPGQGSQLIGMGKVLTEQFVAARMVFEEVDDALSEKLSDIIFEGPADVLTLTANAQPALMAVSMAVIRVM
EQLGLNVEKKVKFVAGHSLGEYSALCAAGTFSLTDTARLLRIRGNAMQAAVAVGEGSMAALIGLDEKDVEEICEIVAEEG
LCQIANDNGGGQIVISGEAKAVETAVEVASQKGAKRAVLLPVSAPFHSALMQPAANAMKNALLTVNKTAPIVPLIANVSV
IPESDPERIVSLLVQQVTGRVRWRETIEWISANGVNTLFEIGSGKVLTGLARRINKDIKALTVGTAEEIEAALRVLGV
;
_entity_poly.pdbx_strand_id   A,B
#
# COMPACT_ATOMS: atom_id res chain seq x y z
N MET A 5 21.90 28.65 0.35
CA MET A 5 22.23 28.20 -1.04
C MET A 5 21.03 27.57 -1.77
N GLY A 6 21.29 26.50 -2.53
CA GLY A 6 20.36 26.03 -3.56
C GLY A 6 19.40 24.93 -3.17
N ALA A 7 18.65 24.48 -4.16
CA ALA A 7 17.57 23.52 -3.96
C ALA A 7 17.72 22.39 -4.96
N ALA A 8 17.28 21.21 -4.54
CA ALA A 8 17.13 20.08 -5.45
C ALA A 8 15.70 19.58 -5.33
N PHE A 9 15.18 19.08 -6.46
CA PHE A 9 13.87 18.40 -6.43
C PHE A 9 14.12 16.89 -6.51
N THR A 10 13.48 16.14 -5.60
CA THR A 10 13.60 14.68 -5.58
C THR A 10 12.21 14.09 -5.76
N PHE A 11 12.15 12.94 -6.44
CA PHE A 11 10.88 12.36 -6.85
C PHE A 11 10.74 10.95 -6.32
N PRO A 12 9.64 10.69 -5.60
CA PRO A 12 9.50 9.40 -4.94
C PRO A 12 9.22 8.24 -5.88
N GLY A 13 9.47 7.04 -5.36
CA GLY A 13 9.27 5.81 -6.12
C GLY A 13 8.31 4.85 -5.45
N GLN A 14 8.35 3.61 -5.92
CA GLN A 14 7.42 2.57 -5.47
C GLN A 14 7.39 2.50 -3.94
N GLY A 15 6.18 2.49 -3.38
CA GLY A 15 6.02 2.50 -1.94
C GLY A 15 5.47 3.82 -1.45
N SER A 16 5.47 4.81 -2.32
CA SER A 16 4.92 6.13 -1.95
C SER A 16 3.48 6.32 -2.38
N GLN A 17 2.94 5.35 -3.11
CA GLN A 17 1.55 5.45 -3.60
C GLN A 17 0.56 5.26 -2.46
N LEU A 18 -0.55 5.99 -2.58
CA LEU A 18 -1.62 5.99 -1.56
C LEU A 18 -2.93 6.21 -2.30
N ILE A 19 -3.98 5.49 -1.95
CA ILE A 19 -5.31 5.74 -2.53
CA ILE A 19 -5.30 5.73 -2.53
C ILE A 19 -5.69 7.19 -2.28
N GLY A 20 -6.20 7.84 -3.32
CA GLY A 20 -6.63 9.24 -3.26
C GLY A 20 -5.53 10.26 -3.51
N MET A 21 -4.29 9.81 -3.68
CA MET A 21 -3.22 10.75 -3.97
C MET A 21 -3.56 11.58 -5.21
N GLY A 22 -3.28 12.87 -5.12
CA GLY A 22 -3.52 13.78 -6.23
C GLY A 22 -4.97 14.26 -6.41
N LYS A 23 -5.95 13.64 -5.74
CA LYS A 23 -7.37 13.94 -6.05
C LYS A 23 -7.70 15.38 -5.65
N VAL A 24 -7.33 15.75 -4.42
CA VAL A 24 -7.59 17.13 -3.96
C VAL A 24 -6.91 18.18 -4.86
N LEU A 25 -5.68 17.90 -5.27
CA LEU A 25 -4.95 18.81 -6.14
C LEU A 25 -5.68 18.98 -7.48
N THR A 26 -6.24 17.90 -8.03
CA THR A 26 -7.01 17.98 -9.27
C THR A 26 -8.29 18.81 -9.13
N GLU A 27 -8.87 18.80 -7.94
CA GLU A 27 -10.08 19.60 -7.66
C GLU A 27 -9.76 21.09 -7.58
N GLN A 28 -8.54 21.40 -7.14
CA GLN A 28 -8.07 22.76 -6.85
C GLN A 28 -7.43 23.46 -8.05
N PHE A 29 -6.81 22.68 -8.94
CA PHE A 29 -6.04 23.25 -10.04
C PHE A 29 -6.28 22.50 -11.33
N VAL A 30 -6.67 23.25 -12.37
CA VAL A 30 -6.79 22.63 -13.70
C VAL A 30 -5.43 22.08 -14.18
N ALA A 31 -4.32 22.69 -13.75
CA ALA A 31 -3.01 22.22 -14.18
C ALA A 31 -2.80 20.80 -13.68
N ALA A 32 -3.29 20.51 -12.47
CA ALA A 32 -3.14 19.14 -11.93
C ALA A 32 -4.10 18.18 -12.61
N ARG A 33 -5.36 18.63 -12.78
CA ARG A 33 -6.40 17.82 -13.42
C ARG A 33 -5.96 17.36 -14.81
N MET A 34 -5.37 18.27 -15.58
CA MET A 34 -4.95 17.95 -16.95
C MET A 34 -3.83 16.92 -17.02
N VAL A 35 -2.94 16.92 -16.03
CA VAL A 35 -1.89 15.87 -16.00
C VAL A 35 -2.52 14.48 -15.92
N PHE A 36 -3.47 14.29 -15.00
CA PHE A 36 -4.14 12.99 -14.89
C PHE A 36 -4.95 12.62 -16.12
N GLU A 37 -5.63 13.61 -16.71
CA GLU A 37 -6.34 13.36 -17.94
C GLU A 37 -5.42 12.88 -19.06
N GLU A 38 -4.24 13.52 -19.18
CA GLU A 38 -3.32 13.16 -20.25
C GLU A 38 -2.71 11.78 -20.00
N VAL A 39 -2.34 11.51 -18.75
CA VAL A 39 -1.84 10.17 -18.44
C VAL A 39 -2.85 9.06 -18.78
N ASP A 40 -4.12 9.25 -18.40
CA ASP A 40 -5.18 8.29 -18.78
C ASP A 40 -5.22 8.12 -20.31
N ASP A 41 -5.20 9.24 -21.03
CA ASP A 41 -5.22 9.17 -22.50
C ASP A 41 -4.04 8.41 -23.06
N ALA A 42 -2.86 8.71 -22.52
CA ALA A 42 -1.61 8.14 -23.01
C ALA A 42 -1.60 6.62 -22.86
N LEU A 43 -2.23 6.15 -21.79
CA LEU A 43 -2.31 4.71 -21.49
C LEU A 43 -3.59 4.02 -21.98
N SER A 44 -4.50 4.81 -22.57
CA SER A 44 -5.80 4.33 -23.05
C SER A 44 -6.56 3.62 -21.93
N GLU A 45 -6.56 4.22 -20.74
CA GLU A 45 -7.08 3.55 -19.54
CA GLU A 45 -7.18 3.58 -19.60
C GLU A 45 -7.47 4.60 -18.52
N LYS A 46 -8.55 4.36 -17.75
CA LYS A 46 -8.88 5.24 -16.63
C LYS A 46 -8.02 4.85 -15.39
N LEU A 47 -6.70 5.01 -15.53
CA LEU A 47 -5.79 4.77 -14.41
C LEU A 47 -6.16 5.65 -13.23
N SER A 48 -6.59 6.88 -13.51
CA SER A 48 -6.95 7.80 -12.45
C SER A 48 -8.02 7.24 -11.49
N ASP A 49 -8.93 6.39 -11.99
CA ASP A 49 -9.93 5.79 -11.09
C ASP A 49 -9.25 4.89 -10.04
N ILE A 50 -8.23 4.15 -10.45
CA ILE A 50 -7.46 3.30 -9.54
C ILE A 50 -6.66 4.18 -8.55
N ILE A 51 -6.04 5.25 -9.08
CA ILE A 51 -5.35 6.19 -8.22
C ILE A 51 -6.26 6.76 -7.12
N PHE A 52 -7.45 7.20 -7.51
CA PHE A 52 -8.30 7.94 -6.57
C PHE A 52 -9.15 7.04 -5.65
N GLU A 53 -9.46 5.82 -6.09
CA GLU A 53 -10.39 4.95 -5.35
CA GLU A 53 -10.39 4.96 -5.36
C GLU A 53 -9.87 3.55 -5.07
N GLY A 54 -8.69 3.21 -5.58
CA GLY A 54 -8.14 1.89 -5.33
C GLY A 54 -8.80 0.80 -6.17
N PRO A 55 -8.80 -0.46 -5.69
CA PRO A 55 -8.28 -0.92 -4.39
C PRO A 55 -6.79 -0.70 -4.26
N ALA A 56 -6.30 -0.65 -3.01
CA ALA A 56 -4.87 -0.44 -2.76
C ALA A 56 -3.99 -1.47 -3.46
N ASP A 57 -4.40 -2.73 -3.48
CA ASP A 57 -3.53 -3.77 -4.03
C ASP A 57 -3.42 -3.65 -5.54
N VAL A 58 -4.49 -3.11 -6.15
CA VAL A 58 -4.46 -2.82 -7.61
C VAL A 58 -3.57 -1.62 -7.93
N LEU A 59 -3.71 -0.55 -7.13
CA LEU A 59 -2.82 0.61 -7.31
C LEU A 59 -1.35 0.25 -7.08
N THR A 60 -1.09 -0.69 -6.18
CA THR A 60 0.28 -1.05 -5.80
C THR A 60 0.96 -1.89 -6.89
N LEU A 61 0.17 -2.62 -7.72
CA LEU A 61 0.80 -3.34 -8.84
C LEU A 61 1.71 -2.37 -9.57
N THR A 62 2.95 -2.81 -9.81
CA THR A 62 3.96 -1.87 -10.32
C THR A 62 3.59 -1.25 -11.70
N ALA A 63 2.83 -1.98 -12.52
CA ALA A 63 2.35 -1.42 -13.80
C ALA A 63 1.40 -0.26 -13.62
N ASN A 64 0.78 -0.18 -12.43
CA ASN A 64 -0.05 0.98 -12.06
C ASN A 64 0.68 2.03 -11.24
N ALA A 65 1.40 1.57 -10.23
CA ALA A 65 2.08 2.49 -9.30
C ALA A 65 3.10 3.37 -10.02
N GLN A 66 3.78 2.83 -11.03
CA GLN A 66 4.84 3.63 -11.67
C GLN A 66 4.26 4.85 -12.45
N PRO A 67 3.35 4.63 -13.43
CA PRO A 67 2.80 5.84 -14.07
C PRO A 67 1.98 6.68 -13.10
N ALA A 68 1.31 6.03 -12.12
CA ALA A 68 0.50 6.83 -11.15
C ALA A 68 1.32 7.78 -10.27
N LEU A 69 2.43 7.29 -9.74
CA LEU A 69 3.28 8.14 -8.90
C LEU A 69 3.87 9.27 -9.72
N MET A 70 4.27 8.99 -10.96
CA MET A 70 4.80 10.03 -11.84
C MET A 70 3.72 11.10 -12.08
N ALA A 71 2.47 10.66 -12.29
CA ALA A 71 1.36 11.63 -12.55
C ALA A 71 1.22 12.58 -11.36
N VAL A 72 1.24 12.04 -10.13
CA VAL A 72 1.10 12.91 -8.96
C VAL A 72 2.26 13.91 -8.92
N SER A 73 3.48 13.44 -9.15
CA SER A 73 4.63 14.35 -9.15
C SER A 73 4.51 15.43 -10.21
N MET A 74 4.12 15.01 -11.42
CA MET A 74 4.01 16.00 -12.53
C MET A 74 2.83 16.96 -12.33
N ALA A 75 1.75 16.51 -11.67
CA ALA A 75 0.66 17.44 -11.32
C ALA A 75 1.22 18.55 -10.40
N VAL A 76 1.98 18.17 -9.38
CA VAL A 76 2.63 19.17 -8.52
C VAL A 76 3.54 20.12 -9.33
N ILE A 77 4.38 19.56 -10.20
CA ILE A 77 5.27 20.41 -11.03
C ILE A 77 4.46 21.41 -11.85
N ARG A 78 3.40 20.93 -12.50
CA ARG A 78 2.64 21.81 -13.39
C ARG A 78 1.94 22.91 -12.62
N VAL A 79 1.39 22.60 -11.45
CA VAL A 79 0.83 23.64 -10.59
C VAL A 79 1.88 24.68 -10.18
N MET A 80 3.07 24.21 -9.73
CA MET A 80 4.16 25.12 -9.39
C MET A 80 4.55 26.02 -10.57
N GLU A 81 4.68 25.43 -11.75
CA GLU A 81 4.99 26.21 -12.95
C GLU A 81 3.92 27.26 -13.27
N GLN A 82 2.63 26.93 -13.12
CA GLN A 82 1.59 27.94 -13.39
C GLN A 82 1.71 29.10 -12.41
N LEU A 83 2.14 28.79 -11.19
CA LEU A 83 2.33 29.78 -10.13
C LEU A 83 3.68 30.50 -10.19
N GLY A 84 4.43 30.28 -11.25
CA GLY A 84 5.66 31.03 -11.49
C GLY A 84 6.99 30.31 -11.39
N LEU A 85 6.99 29.01 -11.08
CA LEU A 85 8.27 28.31 -10.99
C LEU A 85 8.90 28.16 -12.37
N ASN A 86 10.17 28.59 -12.46
CA ASN A 86 11.03 28.27 -13.59
C ASN A 86 12.08 27.31 -13.05
N VAL A 87 11.95 26.03 -13.42
CA VAL A 87 12.82 25.00 -12.90
C VAL A 87 14.30 25.32 -13.20
N GLU A 88 14.59 25.72 -14.44
CA GLU A 88 15.96 25.92 -14.87
C GLU A 88 16.62 27.03 -14.04
N LYS A 89 15.81 28.01 -13.66
CA LYS A 89 16.30 29.14 -12.88
C LYS A 89 16.43 28.86 -11.39
N LYS A 90 15.57 27.97 -10.86
CA LYS A 90 15.42 27.85 -9.39
C LYS A 90 15.90 26.55 -8.77
N VAL A 91 16.11 25.54 -9.61
CA VAL A 91 16.43 24.19 -9.13
C VAL A 91 17.79 23.78 -9.67
N LYS A 92 18.72 23.44 -8.77
CA LYS A 92 20.07 23.09 -9.16
C LYS A 92 20.16 21.70 -9.80
N PHE A 93 19.50 20.71 -9.18
CA PHE A 93 19.56 19.33 -9.65
C PHE A 93 18.21 18.66 -9.45
N VAL A 94 17.97 17.62 -10.26
CA VAL A 94 16.83 16.69 -10.03
C VAL A 94 17.34 15.30 -9.79
N ALA A 95 16.59 14.51 -9.04
CA ALA A 95 16.90 13.11 -8.81
C ALA A 95 15.62 12.40 -8.42
N GLY A 96 15.55 11.10 -8.67
CA GLY A 96 14.34 10.37 -8.22
C GLY A 96 14.67 8.94 -7.92
N HIS A 97 13.84 8.35 -7.06
CA HIS A 97 14.11 7.00 -6.60
C HIS A 97 13.50 5.99 -7.59
N SER A 98 14.35 5.40 -8.43
CA SER A 98 13.97 4.37 -9.40
C SER A 98 12.92 4.85 -10.43
N LEU A 99 11.63 4.58 -10.25
CA LEU A 99 10.66 5.13 -11.19
C LEU A 99 10.74 6.68 -11.16
N GLY A 100 11.10 7.23 -10.00
CA GLY A 100 11.22 8.68 -9.82
C GLY A 100 12.25 9.34 -10.75
N GLU A 101 13.20 8.57 -11.29
CA GLU A 101 14.13 9.14 -12.30
C GLU A 101 13.37 9.62 -13.53
N TYR A 102 12.31 8.89 -13.91
CA TYR A 102 11.47 9.27 -15.02
C TYR A 102 10.65 10.49 -14.74
N SER A 103 10.09 10.57 -13.51
CA SER A 103 9.40 11.78 -13.11
C SER A 103 10.33 13.00 -13.16
N ALA A 104 11.54 12.81 -12.66
CA ALA A 104 12.57 13.88 -12.65
C ALA A 104 12.90 14.33 -14.08
N LEU A 105 13.08 13.38 -14.97
CA LEU A 105 13.39 13.69 -16.36
C LEU A 105 12.22 14.38 -17.07
N CYS A 106 10.98 13.98 -16.77
CA CYS A 106 9.84 14.68 -17.34
C CYS A 106 9.80 16.14 -16.81
N ALA A 107 10.06 16.31 -15.52
CA ALA A 107 10.02 17.65 -14.92
C ALA A 107 11.12 18.53 -15.52
N ALA A 108 12.22 17.90 -15.91
CA ALA A 108 13.35 18.63 -16.52
C ALA A 108 13.24 18.71 -18.06
N GLY A 109 12.09 18.27 -18.60
CA GLY A 109 11.82 18.39 -20.03
C GLY A 109 12.42 17.38 -20.98
N THR A 110 13.02 16.31 -20.46
CA THR A 110 13.71 15.32 -21.31
C THR A 110 12.73 14.48 -22.11
N PHE A 111 11.63 14.08 -21.45
CA PHE A 111 10.56 13.37 -22.12
C PHE A 111 9.24 14.12 -21.96
N SER A 112 8.35 13.97 -22.94
CA SER A 112 6.99 14.51 -22.80
C SER A 112 6.23 13.73 -21.73
N LEU A 113 5.14 14.33 -21.24
CA LEU A 113 4.30 13.63 -20.27
C LEU A 113 3.69 12.34 -20.83
N THR A 114 3.18 12.40 -22.07
CA THR A 114 2.61 11.20 -22.68
C THR A 114 3.67 10.08 -22.81
N ASP A 115 4.88 10.43 -23.25
CA ASP A 115 5.93 9.43 -23.37
C ASP A 115 6.38 8.88 -22.03
N THR A 116 6.46 9.75 -21.01
CA THR A 116 6.86 9.28 -19.68
C THR A 116 5.84 8.29 -19.13
N ALA A 117 4.55 8.60 -19.32
CA ALA A 117 3.51 7.65 -18.89
C ALA A 117 3.68 6.29 -19.57
N ARG A 118 3.90 6.30 -20.88
CA ARG A 118 4.02 5.07 -21.61
C ARG A 118 5.30 4.31 -21.25
N LEU A 119 6.39 5.05 -21.06
CA LEU A 119 7.65 4.40 -20.65
C LEU A 119 7.46 3.70 -19.32
N LEU A 120 6.76 4.34 -18.37
CA LEU A 120 6.59 3.75 -17.04
C LEU A 120 5.63 2.57 -17.03
N ARG A 121 4.63 2.59 -17.91
CA ARG A 121 3.79 1.42 -18.09
C ARG A 121 4.57 0.24 -18.69
N ILE A 122 5.42 0.53 -19.68
CA ILE A 122 6.30 -0.51 -20.26
C ILE A 122 7.23 -1.04 -19.17
N ARG A 123 7.75 -0.14 -18.34
CA ARG A 123 8.71 -0.53 -17.32
C ARG A 123 8.03 -1.45 -16.28
N GLY A 124 6.85 -1.03 -15.81
CA GLY A 124 6.10 -1.81 -14.80
C GLY A 124 5.67 -3.16 -15.37
N ASN A 125 5.16 -3.17 -16.60
CA ASN A 125 4.77 -4.43 -17.23
C ASN A 125 5.96 -5.39 -17.33
N ALA A 126 7.11 -4.86 -17.77
CA ALA A 126 8.29 -5.69 -18.03
C ALA A 126 8.88 -6.22 -16.73
N MET A 127 8.85 -5.37 -15.70
CA MET A 127 9.31 -5.80 -14.36
C MET A 127 8.42 -6.88 -13.73
N GLN A 128 7.10 -6.70 -13.82
CA GLN A 128 6.15 -7.68 -13.26
C GLN A 128 6.38 -9.05 -13.91
N ALA A 129 6.76 -9.04 -15.19
CA ALA A 129 6.88 -10.26 -16.01
C ALA A 129 8.28 -10.89 -16.08
N ALA A 130 9.29 -10.22 -15.55
CA ALA A 130 10.69 -10.60 -15.73
C ALA A 130 10.99 -12.03 -15.23
N VAL A 131 10.52 -12.36 -14.04
CA VAL A 131 10.76 -13.70 -13.47
C VAL A 131 9.43 -14.35 -13.13
N ALA A 132 9.41 -15.68 -13.25
CA ALA A 132 8.23 -16.43 -12.91
C ALA A 132 7.87 -16.25 -11.44
N VAL A 133 6.57 -16.33 -11.16
CA VAL A 133 6.07 -16.18 -9.82
C VAL A 133 6.82 -17.12 -8.85
N GLY A 134 7.13 -16.59 -7.67
CA GLY A 134 7.80 -17.36 -6.63
C GLY A 134 9.31 -17.44 -6.75
N GLU A 135 9.86 -16.98 -7.87
CA GLU A 135 11.28 -17.18 -8.07
CA GLU A 135 11.29 -17.15 -8.15
C GLU A 135 12.15 -16.12 -7.40
N GLY A 136 11.58 -14.92 -7.23
CA GLY A 136 12.33 -13.83 -6.64
C GLY A 136 11.77 -13.42 -5.31
N SER A 137 12.56 -12.65 -4.56
CA SER A 137 12.07 -11.97 -3.37
C SER A 137 12.90 -10.72 -3.16
N MET A 138 12.44 -9.88 -2.21
CA MET A 138 13.25 -8.77 -1.68
C MET A 138 13.21 -8.84 -0.16
N ALA A 139 14.06 -8.05 0.51
CA ALA A 139 13.98 -7.93 1.95
C ALA A 139 14.42 -6.57 2.39
N ALA A 140 13.79 -6.06 3.44
CA ALA A 140 14.12 -4.76 3.97
C ALA A 140 14.92 -4.94 5.24
N LEU A 141 16.15 -4.41 5.23
CA LEU A 141 17.04 -4.52 6.39
C LEU A 141 17.28 -3.14 7.00
N ILE A 142 17.39 -3.10 8.33
CA ILE A 142 17.88 -1.91 9.02
C ILE A 142 18.99 -2.26 10.00
N GLY A 143 20.07 -1.49 9.95
CA GLY A 143 21.10 -1.52 11.00
C GLY A 143 22.41 -2.15 10.62
N LEU A 144 22.50 -2.69 9.41
CA LEU A 144 23.76 -3.23 8.91
C LEU A 144 24.33 -2.35 7.80
N ASP A 145 25.63 -2.10 7.83
CA ASP A 145 26.21 -1.26 6.79
C ASP A 145 26.36 -2.04 5.49
N GLU A 146 26.62 -1.31 4.41
CA GLU A 146 26.73 -1.89 3.08
C GLU A 146 27.73 -3.03 2.99
N LYS A 147 28.91 -2.82 3.57
CA LYS A 147 29.96 -3.84 3.62
C LYS A 147 29.47 -5.16 4.22
N ASP A 148 28.79 -5.08 5.36
CA ASP A 148 28.28 -6.26 6.06
C ASP A 148 27.16 -6.94 5.26
N VAL A 149 26.34 -6.15 4.58
CA VAL A 149 25.29 -6.75 3.76
C VAL A 149 25.90 -7.41 2.52
N GLU A 150 26.93 -6.80 1.94
CA GLU A 150 27.64 -7.37 0.79
C GLU A 150 28.25 -8.74 1.18
N GLU A 151 28.73 -8.82 2.41
CA GLU A 151 29.25 -10.06 2.95
C GLU A 151 28.15 -11.13 3.09
N ILE A 152 26.96 -10.72 3.56
CA ILE A 152 25.83 -11.66 3.63
C ILE A 152 25.47 -12.16 2.22
N CYS A 153 25.48 -11.27 1.23
CA CYS A 153 25.24 -11.68 -0.15
C CYS A 153 26.20 -12.80 -0.59
N GLU A 154 27.47 -12.67 -0.18
CA GLU A 154 28.50 -13.65 -0.48
C GLU A 154 28.28 -14.95 0.30
N ILE A 155 27.89 -14.83 1.56
CA ILE A 155 27.61 -16.00 2.42
C ILE A 155 26.52 -16.91 1.82
N VAL A 156 25.50 -16.32 1.20
CA VAL A 156 24.38 -17.11 0.69
C VAL A 156 24.50 -17.50 -0.77
N ALA A 157 25.64 -17.18 -1.40
CA ALA A 157 25.82 -17.40 -2.84
C ALA A 157 25.59 -18.85 -3.30
N GLU A 158 25.86 -19.82 -2.42
CA GLU A 158 25.63 -21.23 -2.73
C GLU A 158 24.13 -21.53 -2.87
N GLU A 159 23.30 -20.78 -2.14
CA GLU A 159 21.84 -20.94 -2.27
C GLU A 159 21.28 -20.19 -3.48
N GLY A 160 21.94 -19.12 -3.91
CA GLY A 160 21.48 -18.38 -5.08
C GLY A 160 21.90 -16.93 -5.07
N LEU A 161 21.34 -16.15 -6.00
CA LEU A 161 21.76 -14.77 -6.19
C LEU A 161 21.07 -13.85 -5.17
N CYS A 162 21.86 -13.01 -4.53
CA CYS A 162 21.35 -11.99 -3.60
C CYS A 162 22.21 -10.75 -3.74
N GLN A 163 21.56 -9.60 -3.97
CA GLN A 163 22.28 -8.37 -4.26
C GLN A 163 21.67 -7.22 -3.48
N ILE A 164 22.45 -6.15 -3.29
CA ILE A 164 21.88 -4.92 -2.72
C ILE A 164 21.07 -4.18 -3.80
N ALA A 165 19.76 -4.04 -3.54
CA ALA A 165 18.86 -3.33 -4.46
C ALA A 165 18.79 -1.84 -4.17
N ASN A 166 18.75 -1.46 -2.90
CA ASN A 166 18.73 -0.03 -2.56
C ASN A 166 19.71 0.19 -1.40
N ASP A 167 20.44 1.29 -1.44
CA ASP A 167 21.17 1.77 -0.28
C ASP A 167 20.46 3.09 0.06
N ASN A 168 19.55 3.07 1.04
CA ASN A 168 18.63 4.20 1.27
C ASN A 168 19.04 5.25 2.28
N GLY A 169 20.08 4.98 3.03
CA GLY A 169 20.51 5.89 4.08
C GLY A 169 19.84 5.51 5.40
N GLY A 170 20.29 6.12 6.49
CA GLY A 170 19.72 5.84 7.78
C GLY A 170 19.87 4.39 8.21
N GLY A 171 20.86 3.72 7.67
CA GLY A 171 21.09 2.29 7.92
C GLY A 171 20.09 1.36 7.24
N GLN A 172 19.33 1.87 6.27
CA GLN A 172 18.32 1.08 5.54
C GLN A 172 18.88 0.54 4.25
N ILE A 173 18.86 -0.78 4.10
CA ILE A 173 19.36 -1.43 2.89
C ILE A 173 18.31 -2.47 2.45
N VAL A 174 17.94 -2.44 1.16
CA VAL A 174 17.02 -3.42 0.60
C VAL A 174 17.81 -4.39 -0.26
N ILE A 175 17.61 -5.68 -0.03
CA ILE A 175 18.26 -6.71 -0.86
C ILE A 175 17.22 -7.38 -1.78
N SER A 176 17.73 -8.10 -2.78
CA SER A 176 16.89 -8.64 -3.84
CA SER A 176 16.87 -8.69 -3.80
C SER A 176 17.59 -9.80 -4.53
N GLY A 177 16.80 -10.70 -5.10
CA GLY A 177 17.38 -11.81 -5.87
C GLY A 177 16.53 -13.05 -5.79
N GLU A 178 17.18 -14.21 -5.82
CA GLU A 178 16.41 -15.44 -5.82
C GLU A 178 15.81 -15.74 -4.46
N ALA A 179 14.59 -16.26 -4.46
CA ALA A 179 13.83 -16.43 -3.23
C ALA A 179 14.57 -17.12 -2.07
N LYS A 180 15.13 -18.31 -2.31
CA LYS A 180 15.80 -19.04 -1.23
C LYS A 180 17.01 -18.29 -0.65
N ALA A 181 17.84 -17.74 -1.53
CA ALA A 181 19.02 -16.97 -1.10
C ALA A 181 18.60 -15.75 -0.29
N VAL A 182 17.55 -15.05 -0.72
CA VAL A 182 17.10 -13.87 0.02
C VAL A 182 16.53 -14.23 1.39
N GLU A 183 15.77 -15.32 1.44
CA GLU A 183 15.25 -15.85 2.71
C GLU A 183 16.39 -16.16 3.69
N THR A 184 17.45 -16.80 3.18
CA THR A 184 18.60 -17.15 4.01
C THR A 184 19.31 -15.89 4.47
N ALA A 185 19.43 -14.91 3.57
CA ALA A 185 20.06 -13.65 3.90
C ALA A 185 19.35 -12.93 5.04
N VAL A 186 18.02 -13.00 5.07
CA VAL A 186 17.24 -12.45 6.20
C VAL A 186 17.62 -13.15 7.52
N GLU A 187 17.71 -14.47 7.50
CA GLU A 187 18.13 -15.25 8.68
C GLU A 187 19.51 -14.77 9.17
N VAL A 188 20.45 -14.64 8.23
CA VAL A 188 21.81 -14.21 8.56
C VAL A 188 21.82 -12.77 9.10
N ALA A 189 21.09 -11.87 8.45
CA ALA A 189 21.01 -10.50 8.93
C ALA A 189 20.49 -10.40 10.37
N SER A 190 19.44 -11.18 10.67
CA SER A 190 18.87 -11.26 12.00
CA SER A 190 18.88 -11.23 12.02
C SER A 190 19.90 -11.77 13.02
N GLN A 191 20.61 -12.83 12.63
CA GLN A 191 21.66 -13.42 13.49
C GLN A 191 22.75 -12.39 13.79
N LYS A 192 23.13 -11.64 12.76
CA LYS A 192 24.16 -10.59 12.94
C LYS A 192 23.70 -9.37 13.71
N GLY A 193 22.44 -9.30 14.07
CA GLY A 193 21.93 -8.25 14.94
C GLY A 193 21.25 -7.10 14.22
N ALA A 194 20.80 -7.33 12.99
CA ALA A 194 20.04 -6.28 12.32
C ALA A 194 18.90 -5.84 13.22
N LYS A 195 18.63 -4.52 13.24
CA LYS A 195 17.49 -4.02 14.00
CA LYS A 195 17.47 -3.97 13.97
C LYS A 195 16.18 -4.50 13.37
N ARG A 196 16.14 -4.58 12.05
CA ARG A 196 14.99 -5.08 11.31
C ARG A 196 15.49 -5.93 10.16
N ALA A 197 14.84 -7.05 9.91
CA ALA A 197 15.14 -7.85 8.70
C ALA A 197 13.85 -8.52 8.28
N VAL A 198 13.22 -7.96 7.26
CA VAL A 198 11.87 -8.42 6.90
C VAL A 198 11.85 -8.92 5.46
N LEU A 199 11.44 -10.18 5.30
CA LEU A 199 11.28 -10.78 3.96
C LEU A 199 10.02 -10.29 3.26
N LEU A 200 10.17 -9.97 1.97
CA LEU A 200 9.03 -9.71 1.07
C LEU A 200 9.02 -10.86 0.04
N PRO A 201 8.35 -11.97 0.42
CA PRO A 201 8.55 -13.23 -0.32
C PRO A 201 7.93 -13.31 -1.73
N VAL A 202 6.94 -12.47 -2.02
CA VAL A 202 6.29 -12.45 -3.34
C VAL A 202 6.71 -11.24 -4.19
N SER A 203 7.61 -10.41 -3.66
CA SER A 203 8.08 -9.26 -4.45
C SER A 203 8.81 -9.72 -5.71
N ALA A 204 8.61 -9.02 -6.82
CA ALA A 204 9.53 -9.11 -7.93
C ALA A 204 10.93 -8.75 -7.44
N PRO A 205 11.97 -9.38 -7.99
CA PRO A 205 13.31 -9.09 -7.50
C PRO A 205 13.88 -7.84 -8.16
N PHE A 206 13.30 -6.68 -7.83
CA PHE A 206 13.74 -5.41 -8.45
C PHE A 206 15.21 -5.16 -8.15
N HIS A 207 15.89 -4.51 -9.10
CA HIS A 207 17.30 -4.09 -8.89
C HIS A 207 18.20 -5.25 -8.57
N SER A 208 17.96 -6.36 -9.28
CA SER A 208 18.86 -7.49 -9.25
C SER A 208 19.09 -7.93 -10.70
N ALA A 209 20.07 -8.83 -10.89
CA ALA A 209 20.36 -9.31 -12.24
C ALA A 209 19.18 -10.06 -12.86
N LEU A 210 18.27 -10.54 -12.03
CA LEU A 210 17.06 -11.23 -12.49
C LEU A 210 16.14 -10.34 -13.33
N MET A 211 16.33 -9.02 -13.22
CA MET A 211 15.54 -8.04 -13.96
C MET A 211 16.04 -7.85 -15.39
N GLN A 212 17.03 -8.61 -15.81
CA GLN A 212 17.58 -8.42 -17.17
C GLN A 212 16.54 -8.34 -18.32
N PRO A 213 15.50 -9.20 -18.34
CA PRO A 213 14.50 -9.05 -19.42
C PRO A 213 13.81 -7.67 -19.41
N ALA A 214 13.62 -7.09 -18.23
CA ALA A 214 13.02 -5.78 -18.14
C ALA A 214 13.99 -4.68 -18.59
N ALA A 215 15.28 -4.85 -18.32
CA ALA A 215 16.29 -3.93 -18.84
C ALA A 215 16.29 -3.91 -20.36
N ASN A 216 16.25 -5.09 -20.97
CA ASN A 216 16.20 -5.19 -22.43
C ASN A 216 14.95 -4.50 -23.01
N ALA A 217 13.80 -4.69 -22.34
CA ALA A 217 12.56 -4.01 -22.75
C ALA A 217 12.69 -2.48 -22.68
N MET A 218 13.36 -1.99 -21.63
CA MET A 218 13.55 -0.54 -21.50
C MET A 218 14.52 0.02 -22.53
N LYS A 219 15.55 -0.77 -22.86
CA LYS A 219 16.49 -0.37 -23.90
C LYS A 219 15.72 -0.12 -25.19
N ASN A 220 14.87 -1.06 -25.59
CA ASN A 220 14.13 -0.90 -26.85
C ASN A 220 13.14 0.26 -26.80
N ALA A 221 12.47 0.45 -25.66
CA ALA A 221 11.54 1.56 -25.55
C ALA A 221 12.23 2.92 -25.56
N LEU A 222 13.36 3.01 -24.86
CA LEU A 222 14.07 4.28 -24.76
C LEU A 222 14.77 4.68 -26.05
N LEU A 223 15.14 3.68 -26.87
CA LEU A 223 15.72 3.98 -28.18
C LEU A 223 14.80 4.74 -29.10
N THR A 224 13.49 4.55 -29.01
N THR A 224 13.49 4.48 -28.94
CA THR A 224 12.63 5.16 -30.04
CA THR A 224 12.41 4.88 -29.86
C THR A 224 12.01 6.48 -29.60
C THR A 224 11.54 6.06 -29.37
N VAL A 225 11.96 6.71 -28.28
CA VAL A 225 11.27 7.87 -27.74
C VAL A 225 12.02 9.16 -28.06
N ASN A 226 11.28 10.23 -28.38
CA ASN A 226 11.90 11.55 -28.45
C ASN A 226 12.48 11.95 -27.11
N LYS A 227 13.70 12.47 -27.15
CA LYS A 227 14.35 12.91 -25.92
C LYS A 227 15.20 14.15 -26.17
N THR A 228 15.30 14.95 -25.12
CA THR A 228 16.12 16.16 -25.09
CA THR A 228 16.16 16.13 -25.10
C THR A 228 16.96 16.17 -23.81
N ALA A 229 18.12 16.83 -23.85
CA ALA A 229 18.93 17.00 -22.64
C ALA A 229 18.09 17.68 -21.56
N PRO A 230 18.15 17.19 -20.32
CA PRO A 230 17.37 17.85 -19.26
C PRO A 230 17.87 19.28 -19.00
N ILE A 231 16.95 20.17 -18.62
CA ILE A 231 17.28 21.59 -18.44
C ILE A 231 18.14 21.86 -17.19
N VAL A 232 18.07 20.94 -16.22
CA VAL A 232 19.02 20.88 -15.09
C VAL A 232 19.46 19.43 -14.96
N PRO A 233 20.65 19.16 -14.41
CA PRO A 233 21.16 17.80 -14.47
C PRO A 233 20.39 16.82 -13.58
N LEU A 234 20.36 15.58 -14.04
CA LEU A 234 19.85 14.48 -13.23
C LEU A 234 20.98 13.82 -12.44
N ILE A 235 20.80 13.65 -11.12
CA ILE A 235 21.79 12.90 -10.37
C ILE A 235 21.34 11.43 -10.42
N ALA A 236 21.91 10.67 -11.35
CA ALA A 236 21.42 9.33 -11.67
C ALA A 236 21.65 8.33 -10.56
N ASN A 237 20.70 7.42 -10.39
CA ASN A 237 20.79 6.38 -9.37
C ASN A 237 22.05 5.51 -9.49
N VAL A 238 22.56 5.32 -10.72
CA VAL A 238 23.65 4.39 -10.98
C VAL A 238 25.00 5.08 -10.83
N SER A 239 25.04 6.36 -11.18
CA SER A 239 26.33 7.09 -11.31
C SER A 239 26.59 8.11 -10.20
N VAL A 240 25.53 8.62 -9.58
CA VAL A 240 25.66 9.65 -8.53
C VAL A 240 26.53 10.86 -8.99
N ILE A 241 26.35 11.24 -10.24
CA ILE A 241 26.95 12.47 -10.77
C ILE A 241 25.91 13.20 -11.58
N PRO A 242 26.12 14.51 -11.83
CA PRO A 242 25.14 15.24 -12.62
C PRO A 242 25.21 14.80 -14.08
N GLU A 243 24.10 14.30 -14.60
CA GLU A 243 24.03 13.81 -15.96
C GLU A 243 23.11 14.68 -16.81
N SER A 244 23.61 15.12 -17.97
CA SER A 244 22.78 15.91 -18.91
C SER A 244 22.81 15.41 -20.35
N ASP A 245 23.56 14.34 -20.63
CA ASP A 245 23.67 13.82 -22.02
CA ASP A 245 23.65 13.84 -22.01
C ASP A 245 22.55 12.81 -22.22
N PRO A 246 21.58 13.10 -23.12
CA PRO A 246 20.45 12.16 -23.22
C PRO A 246 20.81 10.72 -23.61
N GLU A 247 21.83 10.53 -24.44
CA GLU A 247 22.26 9.18 -24.81
CA GLU A 247 22.23 9.17 -24.81
C GLU A 247 22.83 8.42 -23.61
N ARG A 248 23.65 9.11 -22.82
CA ARG A 248 24.18 8.47 -21.62
C ARG A 248 23.07 8.22 -20.59
N ILE A 249 22.17 9.18 -20.45
CA ILE A 249 21.02 9.02 -19.53
C ILE A 249 20.20 7.77 -19.90
N VAL A 250 19.95 7.54 -21.20
CA VAL A 250 19.24 6.32 -21.61
C VAL A 250 20.01 5.08 -21.15
N SER A 251 21.34 5.07 -21.32
CA SER A 251 22.13 3.92 -20.94
CA SER A 251 22.14 3.92 -20.92
C SER A 251 22.03 3.68 -19.42
N LEU A 252 22.09 4.76 -18.66
CA LEU A 252 22.00 4.68 -17.20
C LEU A 252 20.62 4.25 -16.70
N LEU A 253 19.56 4.64 -17.41
CA LEU A 253 18.20 4.14 -17.08
C LEU A 253 18.10 2.61 -17.30
N VAL A 254 18.73 2.10 -18.36
CA VAL A 254 18.76 0.67 -18.61
C VAL A 254 19.57 -0.06 -17.52
N GLN A 255 20.76 0.46 -17.21
CA GLN A 255 21.60 -0.11 -16.17
C GLN A 255 20.91 -0.11 -14.80
N GLN A 256 20.12 0.94 -14.56
CA GLN A 256 19.41 1.11 -13.30
C GLN A 256 18.49 -0.08 -12.98
N VAL A 257 17.88 -0.66 -14.00
CA VAL A 257 16.89 -1.72 -13.80
C VAL A 257 17.47 -2.92 -13.04
N THR A 258 18.72 -3.27 -13.33
CA THR A 258 19.36 -4.42 -12.69
C THR A 258 20.34 -4.06 -11.57
N GLY A 259 20.55 -2.76 -11.35
CA GLY A 259 21.59 -2.30 -10.44
C GLY A 259 21.04 -1.61 -9.20
N ARG A 260 21.98 -1.30 -8.30
CA ARG A 260 21.67 -0.70 -6.99
CA ARG A 260 21.70 -0.71 -6.99
C ARG A 260 21.23 0.76 -7.10
N VAL A 261 20.17 1.09 -6.38
CA VAL A 261 19.76 2.50 -6.30
C VAL A 261 20.60 3.15 -5.20
N ARG A 262 21.50 4.05 -5.61
CA ARG A 262 22.52 4.61 -4.69
C ARG A 262 21.95 5.89 -4.03
N TRP A 263 20.87 5.72 -3.25
CA TRP A 263 20.13 6.90 -2.76
C TRP A 263 20.89 7.66 -1.67
N ARG A 264 21.45 6.93 -0.72
CA ARG A 264 22.27 7.54 0.33
C ARG A 264 23.35 8.45 -0.29
N GLU A 265 24.11 7.90 -1.24
CA GLU A 265 25.19 8.66 -1.87
C GLU A 265 24.68 9.84 -2.66
N THR A 266 23.47 9.69 -3.23
CA THR A 266 22.84 10.78 -3.95
C THR A 266 22.56 11.97 -3.03
N ILE A 267 21.97 11.71 -1.88
CA ILE A 267 21.64 12.81 -0.96
C ILE A 267 22.93 13.41 -0.39
N GLU A 268 23.90 12.56 -0.09
CA GLU A 268 25.20 13.07 0.40
C GLU A 268 25.88 13.95 -0.66
N TRP A 269 25.88 13.50 -1.91
CA TRP A 269 26.46 14.30 -2.99
C TRP A 269 25.73 15.64 -3.14
N ILE A 270 24.41 15.59 -3.26
CA ILE A 270 23.65 16.84 -3.41
C ILE A 270 23.94 17.84 -2.28
N SER A 271 23.95 17.35 -1.05
CA SER A 271 24.15 18.20 0.13
C SER A 271 25.53 18.84 0.18
N ALA A 272 26.51 18.16 -0.43
CA ALA A 272 27.90 18.64 -0.45
C ALA A 272 28.20 19.53 -1.66
N ASN A 273 27.28 19.60 -2.62
CA ASN A 273 27.57 20.29 -3.87
C ASN A 273 26.60 21.44 -4.14
N GLY A 274 26.38 22.23 -3.09
CA GLY A 274 25.76 23.55 -3.23
C GLY A 274 24.25 23.61 -3.02
N VAL A 275 23.71 22.57 -2.40
CA VAL A 275 22.27 22.50 -2.08
C VAL A 275 22.03 22.33 -0.59
N ASN A 276 21.15 23.16 -0.03
CA ASN A 276 20.75 23.06 1.37
C ASN A 276 19.29 22.72 1.63
N THR A 277 18.50 22.62 0.55
CA THR A 277 17.08 22.33 0.70
C THR A 277 16.70 21.24 -0.29
N LEU A 278 16.14 20.15 0.22
CA LEU A 278 15.71 19.04 -0.64
C LEU A 278 14.20 18.97 -0.61
N PHE A 279 13.57 19.14 -1.77
CA PHE A 279 12.13 19.07 -1.87
C PHE A 279 11.77 17.67 -2.38
N GLU A 280 10.74 17.09 -1.79
CA GLU A 280 10.12 15.82 -2.26
C GLU A 280 8.82 16.18 -2.99
N ILE A 281 8.82 15.94 -4.30
CA ILE A 281 7.73 16.40 -5.16
C ILE A 281 6.76 15.28 -5.43
N GLY A 282 5.53 15.39 -4.96
CA GLY A 282 4.50 14.37 -5.23
C GLY A 282 3.90 13.73 -4.00
N SER A 283 3.68 12.41 -4.06
CA SER A 283 2.95 11.68 -3.00
C SER A 283 3.86 11.25 -1.84
N GLY A 284 3.44 11.56 -0.60
CA GLY A 284 4.07 10.97 0.59
C GLY A 284 5.29 11.71 1.15
N LYS A 285 5.84 11.13 2.20
CA LYS A 285 6.98 11.76 2.88
C LYS A 285 8.13 10.78 3.03
N VAL A 286 8.17 9.77 2.15
CA VAL A 286 9.19 8.72 2.26
C VAL A 286 10.62 9.25 2.04
N LEU A 287 10.85 10.00 0.96
CA LEU A 287 12.21 10.50 0.71
C LEU A 287 12.63 11.51 1.76
N THR A 288 11.68 12.31 2.23
CA THR A 288 11.95 13.31 3.27
C THR A 288 12.43 12.62 4.56
N GLY A 289 11.78 11.50 4.90
CA GLY A 289 12.20 10.69 6.08
C GLY A 289 13.63 10.22 5.93
N LEU A 290 13.98 9.74 4.75
CA LEU A 290 15.35 9.30 4.48
C LEU A 290 16.35 10.47 4.56
N ALA A 291 16.00 11.59 3.95
CA ALA A 291 16.93 12.75 3.89
C ALA A 291 17.31 13.20 5.29
N ARG A 292 16.32 13.24 6.18
CA ARG A 292 16.56 13.68 7.56
C ARG A 292 17.45 12.73 8.36
N ARG A 293 17.43 11.45 7.99
CA ARG A 293 18.29 10.44 8.61
C ARG A 293 19.70 10.52 8.04
N ILE A 294 19.82 10.85 6.76
CA ILE A 294 21.12 10.95 6.10
C ILE A 294 21.91 12.19 6.52
N ASN A 295 21.22 13.32 6.63
CA ASN A 295 21.87 14.60 6.90
C ASN A 295 20.94 15.42 7.81
N LYS A 296 21.38 15.67 9.03
CA LYS A 296 20.57 16.40 10.02
C LYS A 296 20.54 17.93 9.83
N ASP A 297 21.38 18.45 8.93
CA ASP A 297 21.50 19.89 8.75
C ASP A 297 20.72 20.45 7.58
N ILE A 298 20.45 19.62 6.58
CA ILE A 298 19.68 20.09 5.42
C ILE A 298 18.21 20.27 5.77
N LYS A 299 17.56 21.18 5.08
CA LYS A 299 16.12 21.34 5.22
C LYS A 299 15.51 20.40 4.19
N ALA A 300 14.62 19.53 4.66
CA ALA A 300 13.93 18.58 3.78
C ALA A 300 12.43 18.84 3.90
N LEU A 301 11.79 19.10 2.75
CA LEU A 301 10.39 19.54 2.73
C LEU A 301 9.60 18.73 1.75
N THR A 302 8.39 18.36 2.15
CA THR A 302 7.45 17.68 1.24
C THR A 302 6.65 18.71 0.42
N VAL A 303 6.36 18.36 -0.83
CA VAL A 303 5.53 19.20 -1.71
C VAL A 303 4.43 18.37 -2.39
N GLY A 304 3.28 18.27 -1.73
CA GLY A 304 2.16 17.46 -2.21
C GLY A 304 0.81 18.13 -2.11
N THR A 305 0.73 19.18 -1.29
CA THR A 305 -0.53 19.92 -1.10
C THR A 305 -0.38 21.36 -1.60
N ALA A 306 -1.51 22.02 -1.75
CA ALA A 306 -1.52 23.43 -2.15
C ALA A 306 -0.68 24.30 -1.19
N GLU A 307 -0.83 24.03 0.11
CA GLU A 307 -0.12 24.75 1.16
C GLU A 307 1.39 24.53 1.02
N GLU A 308 1.79 23.28 0.80
CA GLU A 308 3.19 22.96 0.63
C GLU A 308 3.76 23.53 -0.66
N ILE A 309 2.94 23.57 -1.72
CA ILE A 309 3.35 24.25 -2.95
C ILE A 309 3.65 25.73 -2.68
N GLU A 310 2.75 26.40 -1.99
CA GLU A 310 2.96 27.82 -1.64
C GLU A 310 4.25 28.02 -0.84
N ALA A 311 4.50 27.15 0.15
CA ALA A 311 5.69 27.23 0.99
C ALA A 311 6.97 27.02 0.17
N ALA A 312 6.93 26.03 -0.75
CA ALA A 312 8.09 25.73 -1.58
C ALA A 312 8.41 26.93 -2.49
N LEU A 313 7.38 27.56 -3.06
CA LEU A 313 7.58 28.70 -3.93
C LEU A 313 8.24 29.88 -3.18
N ARG A 314 7.85 30.06 -1.92
CA ARG A 314 8.48 31.08 -1.06
C ARG A 314 9.96 30.78 -0.75
N VAL A 315 10.25 29.51 -0.43
CA VAL A 315 11.62 29.10 -0.14
C VAL A 315 12.52 29.29 -1.39
N LEU A 316 11.96 28.99 -2.57
CA LEU A 316 12.68 29.15 -3.84
C LEU A 316 12.80 30.60 -4.30
N GLY A 317 12.04 31.50 -3.68
CA GLY A 317 12.07 32.93 -4.03
C GLY A 317 11.35 33.25 -5.33
N VAL A 318 10.34 32.45 -5.65
CA VAL A 318 9.50 32.67 -6.82
C VAL A 318 8.63 33.93 -6.67
N GLY B 6 -30.78 5.06 14.37
CA GLY B 6 -29.82 4.05 14.91
C GLY B 6 -28.48 4.09 14.16
N ALA B 7 -27.42 3.70 14.87
CA ALA B 7 -26.04 3.71 14.31
C ALA B 7 -25.39 2.35 14.39
N ALA B 8 -24.54 2.07 13.42
CA ALA B 8 -23.65 0.89 13.45
C ALA B 8 -22.22 1.35 13.24
N PHE B 9 -21.28 0.66 13.87
CA PHE B 9 -19.86 0.90 13.68
C PHE B 9 -19.30 -0.22 12.81
N THR B 10 -18.59 0.18 11.75
CA THR B 10 -17.97 -0.78 10.82
C THR B 10 -16.48 -0.57 10.83
N PHE B 11 -15.75 -1.67 10.70
CA PHE B 11 -14.29 -1.62 10.89
C PHE B 11 -13.59 -2.12 9.64
N PRO B 12 -12.65 -1.33 9.10
CA PRO B 12 -12.06 -1.70 7.82
C PRO B 12 -11.07 -2.85 7.88
N GLY B 13 -10.80 -3.43 6.69
CA GLY B 13 -9.85 -4.55 6.61
C GLY B 13 -8.72 -4.27 5.64
N GLN B 14 -8.07 -5.34 5.21
CA GLN B 14 -6.89 -5.26 4.35
C GLN B 14 -7.15 -4.38 3.13
N GLY B 15 -6.22 -3.48 2.86
CA GLY B 15 -6.39 -2.47 1.82
C GLY B 15 -6.65 -1.07 2.30
N SER B 16 -6.99 -0.96 3.58
CA SER B 16 -7.22 0.35 4.20
C SER B 16 -5.97 0.89 4.90
N GLN B 17 -4.90 0.11 4.95
CA GLN B 17 -3.69 0.56 5.63
C GLN B 17 -2.94 1.62 4.82
N LEU B 18 -2.33 2.56 5.54
CA LEU B 18 -1.61 3.68 4.89
C LEU B 18 -0.47 4.05 5.82
N ILE B 19 0.72 4.31 5.28
CA ILE B 19 1.81 4.80 6.13
C ILE B 19 1.38 6.07 6.85
N GLY B 20 1.66 6.11 8.14
CA GLY B 20 1.35 7.30 8.96
C GLY B 20 -0.01 7.24 9.60
N MET B 21 -0.81 6.21 9.26
CA MET B 21 -2.12 6.08 9.89
C MET B 21 -2.03 6.04 11.41
N GLY B 22 -2.92 6.81 12.05
CA GLY B 22 -2.94 6.90 13.52
C GLY B 22 -1.91 7.79 14.17
N LYS B 23 -0.90 8.26 13.44
CA LYS B 23 0.20 8.99 14.08
C LYS B 23 -0.29 10.31 14.69
N VAL B 24 -1.03 11.08 13.89
CA VAL B 24 -1.54 12.36 14.39
C VAL B 24 -2.44 12.15 15.61
N LEU B 25 -3.30 11.13 15.54
CA LEU B 25 -4.20 10.87 16.68
C LEU B 25 -3.37 10.59 17.92
N THR B 26 -2.25 9.86 17.80
CA THR B 26 -1.44 9.56 18.98
C THR B 26 -0.76 10.79 19.54
N GLU B 27 -0.52 11.79 18.70
CA GLU B 27 0.06 13.08 19.16
C GLU B 27 -0.98 13.89 19.93
N GLN B 28 -2.24 13.73 19.58
CA GLN B 28 -3.33 14.52 20.12
C GLN B 28 -3.94 13.92 21.38
N PHE B 29 -3.90 12.59 21.50
CA PHE B 29 -4.63 11.91 22.57
C PHE B 29 -3.83 10.79 23.17
N VAL B 30 -3.63 10.86 24.49
CA VAL B 30 -3.00 9.74 25.19
C VAL B 30 -3.78 8.43 25.01
N ALA B 31 -5.11 8.51 24.87
CA ALA B 31 -5.90 7.27 24.72
C ALA B 31 -5.48 6.55 23.42
N ALA B 32 -5.17 7.32 22.38
CA ALA B 32 -4.75 6.71 21.12
C ALA B 32 -3.32 6.17 21.24
N ARG B 33 -2.44 6.99 21.84
CA ARG B 33 -1.04 6.61 22.02
CA ARG B 33 -1.05 6.63 22.05
C ARG B 33 -0.91 5.29 22.78
N MET B 34 -1.69 5.13 23.84
CA MET B 34 -1.61 3.91 24.68
C MET B 34 -2.04 2.66 23.91
N VAL B 35 -2.95 2.80 22.97
CA VAL B 35 -3.36 1.62 22.18
C VAL B 35 -2.17 1.08 21.41
N PHE B 36 -1.45 1.97 20.72
CA PHE B 36 -0.28 1.55 19.96
C PHE B 36 0.82 1.03 20.86
N GLU B 37 0.98 1.62 22.04
CA GLU B 37 1.98 1.12 22.98
C GLU B 37 1.66 -0.30 23.41
N GLU B 38 0.40 -0.56 23.72
CA GLU B 38 0.01 -1.87 24.17
C GLU B 38 0.15 -2.94 23.06
N VAL B 39 -0.26 -2.58 21.85
CA VAL B 39 -0.12 -3.51 20.71
C VAL B 39 1.34 -3.89 20.48
N ASP B 40 2.24 -2.90 20.50
CA ASP B 40 3.68 -3.17 20.42
C ASP B 40 4.11 -4.13 21.52
N ASP B 41 3.68 -3.87 22.76
CA ASP B 41 4.04 -4.77 23.85
C ASP B 41 3.52 -6.19 23.64
N ALA B 42 2.26 -6.29 23.22
CA ALA B 42 1.60 -7.58 23.04
C ALA B 42 2.31 -8.44 22.01
N LEU B 43 2.89 -7.79 21.00
CA LEU B 43 3.58 -8.46 19.89
C LEU B 43 5.11 -8.55 20.07
N SER B 44 5.63 -7.96 21.15
CA SER B 44 7.06 -7.87 21.44
C SER B 44 7.84 -7.27 20.27
N GLU B 45 7.28 -6.20 19.69
CA GLU B 45 7.85 -5.63 18.48
CA GLU B 45 7.73 -5.66 18.41
C GLU B 45 7.39 -4.17 18.37
N LYS B 46 8.25 -3.34 17.78
CA LYS B 46 7.85 -1.97 17.47
C LYS B 46 7.05 -1.93 16.15
N LEU B 47 5.90 -2.58 16.15
CA LEU B 47 5.03 -2.52 14.98
C LEU B 47 4.65 -1.08 14.64
N SER B 48 4.48 -0.26 15.68
CA SER B 48 4.12 1.14 15.45
C SER B 48 5.10 1.88 14.52
N ASP B 49 6.39 1.51 14.55
CA ASP B 49 7.33 2.17 13.63
C ASP B 49 7.01 1.86 12.16
N ILE B 50 6.56 0.63 11.90
CA ILE B 50 6.16 0.23 10.54
C ILE B 50 4.85 0.94 10.17
N ILE B 51 3.91 1.03 11.13
CA ILE B 51 2.67 1.78 10.87
C ILE B 51 2.97 3.24 10.51
N PHE B 52 3.86 3.88 11.28
CA PHE B 52 4.02 5.32 11.16
C PHE B 52 4.97 5.70 10.02
N GLU B 53 5.93 4.82 9.67
CA GLU B 53 6.99 5.18 8.70
CA GLU B 53 7.04 5.14 8.76
C GLU B 53 7.18 4.19 7.57
N GLY B 54 6.47 3.07 7.61
CA GLY B 54 6.56 2.07 6.53
C GLY B 54 7.86 1.30 6.68
N PRO B 55 8.40 0.77 5.59
CA PRO B 55 7.96 0.90 4.19
C PRO B 55 6.56 0.37 3.96
N ALA B 56 5.92 0.87 2.90
CA ALA B 56 4.54 0.46 2.61
C ALA B 56 4.41 -1.04 2.38
N ASP B 57 5.35 -1.66 1.68
CA ASP B 57 5.21 -3.09 1.39
C ASP B 57 5.35 -3.94 2.65
N VAL B 58 6.13 -3.45 3.60
CA VAL B 58 6.26 -4.10 4.91
C VAL B 58 4.97 -3.95 5.71
N LEU B 59 4.41 -2.74 5.73
CA LEU B 59 3.13 -2.51 6.41
C LEU B 59 2.01 -3.35 5.78
N THR B 60 2.07 -3.52 4.46
CA THR B 60 0.99 -4.25 3.72
C THR B 60 1.04 -5.75 3.94
N LEU B 61 2.20 -6.30 4.29
CA LEU B 61 2.27 -7.75 4.62
C LEU B 61 1.16 -8.04 5.61
N THR B 62 0.42 -9.13 5.38
CA THR B 62 -0.79 -9.37 6.17
C THR B 62 -0.51 -9.55 7.68
N ALA B 63 0.67 -10.09 8.00
CA ALA B 63 1.06 -10.23 9.42
C ALA B 63 1.22 -8.89 10.13
N ASN B 64 1.45 -7.83 9.35
CA ASN B 64 1.51 -6.48 9.89
C ASN B 64 0.22 -5.72 9.74
N ALA B 65 -0.36 -5.78 8.54
CA ALA B 65 -1.56 -4.99 8.27
C ALA B 65 -2.72 -5.35 9.20
N GLN B 66 -2.83 -6.63 9.59
CA GLN B 66 -3.97 -7.03 10.40
C GLN B 66 -3.91 -6.40 11.80
N PRO B 67 -2.82 -6.65 12.58
CA PRO B 67 -2.84 -5.98 13.90
C PRO B 67 -2.73 -4.45 13.80
N ALA B 68 -2.06 -3.94 12.75
CA ALA B 68 -1.94 -2.48 12.58
C ALA B 68 -3.27 -1.77 12.33
N LEU B 69 -4.08 -2.34 11.43
CA LEU B 69 -5.37 -1.72 11.14
C LEU B 69 -6.29 -1.79 12.37
N MET B 70 -6.24 -2.91 13.07
CA MET B 70 -7.01 -3.01 14.33
C MET B 70 -6.55 -1.94 15.32
N ALA B 71 -5.22 -1.74 15.44
CA ALA B 71 -4.71 -0.74 16.39
C ALA B 71 -5.28 0.65 16.05
N VAL B 72 -5.30 1.02 14.77
CA VAL B 72 -5.83 2.33 14.40
C VAL B 72 -7.33 2.45 14.80
N SER B 73 -8.11 1.41 14.47
CA SER B 73 -9.53 1.39 14.85
C SER B 73 -9.72 1.51 16.36
N MET B 74 -8.93 0.75 17.13
CA MET B 74 -9.10 0.79 18.60
C MET B 74 -8.63 2.09 19.21
N ALA B 75 -7.63 2.74 18.59
CA ALA B 75 -7.22 4.08 19.03
C ALA B 75 -8.39 5.04 18.89
N VAL B 76 -9.08 5.00 17.74
CA VAL B 76 -10.27 5.84 17.57
C VAL B 76 -11.35 5.51 18.62
N ILE B 77 -11.62 4.23 18.82
CA ILE B 77 -12.63 3.81 19.82
C ILE B 77 -12.30 4.39 21.21
N ARG B 78 -11.04 4.22 21.62
CA ARG B 78 -10.63 4.66 22.95
C ARG B 78 -10.70 6.16 23.12
N VAL B 79 -10.38 6.92 22.07
CA VAL B 79 -10.54 8.39 22.13
C VAL B 79 -12.01 8.74 22.27
N MET B 80 -12.87 8.12 21.46
CA MET B 80 -14.31 8.37 21.54
C MET B 80 -14.86 8.07 22.94
N GLU B 81 -14.43 6.95 23.51
CA GLU B 81 -14.87 6.57 24.87
C GLU B 81 -14.42 7.58 25.91
N GLN B 82 -13.19 8.06 25.81
CA GLN B 82 -12.72 9.06 26.78
C GLN B 82 -13.55 10.34 26.68
N LEU B 83 -13.95 10.67 25.45
CA LEU B 83 -14.75 11.87 25.20
C LEU B 83 -16.25 11.65 25.45
N GLY B 84 -16.61 10.46 25.90
CA GLY B 84 -17.97 10.23 26.41
C GLY B 84 -18.81 9.16 25.73
N LEU B 85 -18.30 8.54 24.67
CA LEU B 85 -19.04 7.49 24.00
C LEU B 85 -19.22 6.27 24.89
N ASN B 86 -20.47 5.83 25.03
CA ASN B 86 -20.79 4.55 25.61
C ASN B 86 -21.33 3.66 24.48
N VAL B 87 -20.52 2.67 24.08
CA VAL B 87 -20.83 1.81 22.92
C VAL B 87 -22.17 1.09 23.11
N GLU B 88 -22.33 0.48 24.28
CA GLU B 88 -23.57 -0.25 24.55
C GLU B 88 -24.81 0.65 24.44
N LYS B 89 -24.71 1.90 24.88
CA LYS B 89 -25.87 2.78 24.81
C LYS B 89 -26.12 3.37 23.44
N LYS B 90 -25.06 3.60 22.67
CA LYS B 90 -25.19 4.42 21.44
C LYS B 90 -25.11 3.66 20.11
N VAL B 91 -24.56 2.46 20.16
CA VAL B 91 -24.26 1.72 18.93
C VAL B 91 -25.08 0.44 18.87
N LYS B 92 -25.94 0.31 17.84
CA LYS B 92 -26.81 -0.86 17.75
C LYS B 92 -26.08 -2.17 17.37
N PHE B 93 -25.15 -2.09 16.41
CA PHE B 93 -24.43 -3.27 15.93
C PHE B 93 -23.01 -2.87 15.58
N VAL B 94 -22.11 -3.84 15.65
CA VAL B 94 -20.77 -3.69 15.07
C VAL B 94 -20.58 -4.71 13.95
N ALA B 95 -19.68 -4.40 13.00
CA ALA B 95 -19.34 -5.35 11.94
C ALA B 95 -17.99 -4.91 11.39
N GLY B 96 -17.27 -5.86 10.80
CA GLY B 96 -15.97 -5.48 10.22
C GLY B 96 -15.62 -6.35 9.04
N HIS B 97 -14.81 -5.81 8.14
CA HIS B 97 -14.49 -6.55 6.94
C HIS B 97 -13.27 -7.44 7.20
N SER B 98 -13.53 -8.75 7.38
CA SER B 98 -12.49 -9.76 7.54
C SER B 98 -11.62 -9.53 8.81
N LEU B 99 -10.42 -8.97 8.69
CA LEU B 99 -9.68 -8.65 9.91
C LEU B 99 -10.50 -7.72 10.80
N GLY B 100 -11.33 -6.89 10.18
CA GLY B 100 -12.13 -5.91 10.91
C GLY B 100 -13.14 -6.56 11.86
N GLU B 101 -13.47 -7.83 11.65
CA GLU B 101 -14.35 -8.52 12.64
C GLU B 101 -13.68 -8.56 14.00
N TYR B 102 -12.35 -8.71 14.02
CA TYR B 102 -11.63 -8.76 15.28
C TYR B 102 -11.59 -7.41 15.92
N SER B 103 -11.41 -6.37 15.11
CA SER B 103 -11.48 -5.01 15.62
C SER B 103 -12.84 -4.73 16.26
N ALA B 104 -13.89 -5.17 15.56
CA ALA B 104 -15.28 -4.99 16.05
C ALA B 104 -15.46 -5.71 17.37
N LEU B 105 -14.97 -6.94 17.47
CA LEU B 105 -15.15 -7.72 18.70
C LEU B 105 -14.34 -7.14 19.85
N CYS B 106 -13.14 -6.61 19.57
CA CYS B 106 -12.39 -5.92 20.61
C CYS B 106 -13.17 -4.66 21.09
N ALA B 107 -13.75 -3.92 20.15
CA ALA B 107 -14.49 -2.70 20.50
C ALA B 107 -15.74 -3.04 21.33
N ALA B 108 -16.28 -4.21 21.07
CA ALA B 108 -17.47 -4.68 21.82
C ALA B 108 -17.11 -5.49 23.07
N GLY B 109 -15.82 -5.57 23.39
CA GLY B 109 -15.36 -6.21 24.63
C GLY B 109 -15.20 -7.71 24.66
N THR B 110 -15.32 -8.37 23.51
CA THR B 110 -15.21 -9.83 23.45
C THR B 110 -13.80 -10.34 23.71
N PHE B 111 -12.81 -9.63 23.18
CA PHE B 111 -11.39 -9.91 23.44
C PHE B 111 -10.72 -8.68 24.01
N SER B 112 -9.68 -8.89 24.83
CA SER B 112 -8.85 -7.81 25.27
C SER B 112 -8.04 -7.29 24.09
N LEU B 113 -7.53 -6.06 24.23
CA LEU B 113 -6.66 -5.49 23.18
C LEU B 113 -5.38 -6.31 22.95
N THR B 114 -4.71 -6.72 24.02
CA THR B 114 -3.53 -7.58 23.88
C THR B 114 -3.83 -8.89 23.15
N ASP B 115 -4.94 -9.56 23.52
CA ASP B 115 -5.34 -10.79 22.83
C ASP B 115 -5.72 -10.56 21.38
N THR B 116 -6.39 -9.44 21.08
CA THR B 116 -6.79 -9.18 19.69
C THR B 116 -5.56 -8.96 18.82
N ALA B 117 -4.56 -8.23 19.36
CA ALA B 117 -3.30 -8.02 18.63
C ALA B 117 -2.64 -9.37 18.33
N ARG B 118 -2.57 -10.24 19.33
CA ARG B 118 -1.94 -11.53 19.15
C ARG B 118 -2.72 -12.43 18.20
N LEU B 119 -4.06 -12.44 18.30
CA LEU B 119 -4.88 -13.20 17.36
C LEU B 119 -4.62 -12.79 15.92
N LEU B 120 -4.50 -11.49 15.69
CA LEU B 120 -4.39 -10.96 14.32
C LEU B 120 -3.01 -11.19 13.76
N ARG B 121 -1.99 -11.17 14.64
CA ARG B 121 -0.66 -11.60 14.22
C ARG B 121 -0.61 -13.08 13.84
N ILE B 122 -1.27 -13.94 14.65
CA ILE B 122 -1.36 -15.37 14.32
C ILE B 122 -2.10 -15.56 12.98
N ARG B 123 -3.20 -14.81 12.82
CA ARG B 123 -4.01 -14.89 11.59
C ARG B 123 -3.20 -14.49 10.36
N GLY B 124 -2.51 -13.36 10.45
CA GLY B 124 -1.64 -12.89 9.33
C GLY B 124 -0.54 -13.88 9.03
N ASN B 125 0.19 -14.32 10.06
CA ASN B 125 1.29 -15.28 9.82
C ASN B 125 0.76 -16.54 9.16
N ALA B 126 -0.38 -17.04 9.64
CA ALA B 126 -0.90 -18.29 9.11
C ALA B 126 -1.42 -18.12 7.68
N MET B 127 -2.03 -16.98 7.40
CA MET B 127 -2.48 -16.71 6.04
C MET B 127 -1.34 -16.53 5.04
N GLN B 128 -0.26 -15.84 5.45
CA GLN B 128 0.93 -15.68 4.60
C GLN B 128 1.50 -17.06 4.22
N ALA B 129 1.46 -17.99 5.16
CA ALA B 129 2.13 -19.29 5.03
C ALA B 129 1.23 -20.38 4.44
N ALA B 130 -0.07 -20.10 4.30
CA ALA B 130 -1.03 -21.16 3.98
C ALA B 130 -0.78 -21.90 2.67
N VAL B 131 -0.48 -21.12 1.62
CA VAL B 131 -0.38 -21.62 0.24
C VAL B 131 0.98 -21.23 -0.36
N ALA B 132 1.67 -22.17 -1.02
CA ALA B 132 2.93 -21.81 -1.64
C ALA B 132 2.69 -20.71 -2.70
N VAL B 133 3.64 -19.79 -2.83
CA VAL B 133 3.54 -18.67 -3.75
C VAL B 133 3.34 -19.20 -5.16
N GLY B 134 2.42 -18.59 -5.90
CA GLY B 134 2.12 -19.05 -7.25
C GLY B 134 0.99 -20.08 -7.35
N GLU B 135 0.67 -20.75 -6.25
CA GLU B 135 -0.37 -21.78 -6.30
C GLU B 135 -1.77 -21.17 -6.29
N GLY B 136 -1.92 -20.05 -5.60
CA GLY B 136 -3.19 -19.35 -5.52
C GLY B 136 -3.14 -17.98 -6.17
N SER B 137 -4.30 -17.36 -6.33
CA SER B 137 -4.41 -15.98 -6.83
C SER B 137 -5.72 -15.37 -6.36
N MET B 138 -5.84 -14.06 -6.52
CA MET B 138 -7.14 -13.36 -6.41
C MET B 138 -7.35 -12.49 -7.65
N ALA B 139 -8.57 -11.97 -7.80
CA ALA B 139 -8.84 -10.97 -8.82
C ALA B 139 -9.97 -10.08 -8.39
N ALA B 140 -9.86 -8.81 -8.76
CA ALA B 140 -10.82 -7.80 -8.43
C ALA B 140 -11.67 -7.51 -9.65
N LEU B 141 -12.96 -7.76 -9.51
CA LEU B 141 -13.92 -7.56 -10.60
C LEU B 141 -14.90 -6.43 -10.31
N ILE B 142 -15.25 -5.67 -11.36
CA ILE B 142 -16.31 -4.66 -11.26
C ILE B 142 -17.33 -4.81 -12.37
N GLY B 143 -18.59 -4.81 -12.00
CA GLY B 143 -19.70 -4.75 -12.97
C GLY B 143 -20.53 -6.00 -13.14
N LEU B 144 -20.15 -7.09 -12.47
CA LEU B 144 -20.92 -8.32 -12.52
C LEU B 144 -21.48 -8.66 -11.15
N ASP B 145 -22.75 -9.10 -11.12
CA ASP B 145 -23.36 -9.47 -9.85
C ASP B 145 -22.91 -10.86 -9.38
N GLU B 146 -23.25 -11.20 -8.13
CA GLU B 146 -22.81 -12.48 -7.56
C GLU B 146 -23.22 -13.69 -8.42
N LYS B 147 -24.45 -13.70 -8.91
CA LYS B 147 -24.93 -14.83 -9.72
C LYS B 147 -24.08 -14.96 -11.00
N ASP B 148 -23.82 -13.83 -11.64
CA ASP B 148 -22.95 -13.76 -12.83
C ASP B 148 -21.58 -14.39 -12.50
N VAL B 149 -21.01 -14.02 -11.36
CA VAL B 149 -19.65 -14.48 -11.03
C VAL B 149 -19.63 -15.94 -10.59
N GLU B 150 -20.66 -16.38 -9.88
CA GLU B 150 -20.81 -17.78 -9.53
C GLU B 150 -20.85 -18.66 -10.78
N GLU B 151 -21.48 -18.17 -11.84
CA GLU B 151 -21.54 -18.89 -13.12
C GLU B 151 -20.13 -19.04 -13.70
N ILE B 152 -19.34 -17.95 -13.63
CA ILE B 152 -17.96 -18.01 -14.10
C ILE B 152 -17.13 -19.02 -13.29
N CYS B 153 -17.35 -19.05 -11.97
CA CYS B 153 -16.68 -20.04 -11.13
C CYS B 153 -16.95 -21.46 -11.62
N GLU B 154 -18.20 -21.72 -12.01
CA GLU B 154 -18.55 -23.05 -12.56
C GLU B 154 -17.93 -23.27 -13.95
N ILE B 155 -17.96 -22.22 -14.78
CA ILE B 155 -17.41 -22.28 -16.14
C ILE B 155 -15.94 -22.73 -16.13
N VAL B 156 -15.17 -22.21 -15.16
CA VAL B 156 -13.74 -22.52 -15.08
C VAL B 156 -13.40 -23.75 -14.21
N ALA B 157 -14.42 -24.47 -13.74
CA ALA B 157 -14.21 -25.60 -12.81
C ALA B 157 -13.21 -26.63 -13.32
N GLU B 158 -13.18 -26.87 -14.64
CA GLU B 158 -12.21 -27.80 -15.23
C GLU B 158 -10.75 -27.34 -15.02
N GLU B 159 -10.51 -26.03 -15.00
CA GLU B 159 -9.16 -25.51 -14.78
C GLU B 159 -8.75 -25.52 -13.29
N GLY B 160 -9.72 -25.57 -12.39
CA GLY B 160 -9.44 -25.59 -10.96
C GLY B 160 -10.49 -24.85 -10.15
N LEU B 161 -10.21 -24.64 -8.86
CA LEU B 161 -11.15 -24.05 -7.94
C LEU B 161 -11.10 -22.52 -7.97
N CYS B 162 -12.26 -21.91 -8.15
CA CYS B 162 -12.39 -20.45 -8.13
C CYS B 162 -13.66 -20.14 -7.34
N GLN B 163 -13.53 -19.27 -6.35
CA GLN B 163 -14.65 -18.98 -5.43
C GLN B 163 -14.83 -17.50 -5.26
N ILE B 164 -16.02 -17.07 -4.81
CA ILE B 164 -16.21 -15.64 -4.46
C ILE B 164 -15.64 -15.40 -3.05
N ALA B 165 -14.63 -14.54 -2.99
CA ALA B 165 -13.94 -14.19 -1.75
C ALA B 165 -14.66 -13.05 -1.04
N ASN B 166 -15.06 -12.04 -1.80
CA ASN B 166 -15.76 -10.88 -1.23
C ASN B 166 -16.94 -10.57 -2.13
N ASP B 167 -18.10 -10.31 -1.54
CA ASP B 167 -19.21 -9.67 -2.23
C ASP B 167 -19.30 -8.29 -1.58
N ASN B 168 -18.73 -7.27 -2.23
CA ASN B 168 -18.51 -5.97 -1.60
C ASN B 168 -19.59 -4.91 -1.85
N GLY B 169 -20.52 -5.22 -2.73
CA GLY B 169 -21.55 -4.27 -3.14
C GLY B 169 -21.05 -3.36 -4.25
N GLY B 170 -21.96 -2.55 -4.78
CA GLY B 170 -21.62 -1.62 -5.86
C GLY B 170 -21.06 -2.30 -7.09
N GLY B 171 -21.44 -3.56 -7.31
CA GLY B 171 -20.90 -4.38 -8.40
C GLY B 171 -19.43 -4.78 -8.25
N GLN B 172 -18.90 -4.72 -7.01
CA GLN B 172 -17.51 -5.13 -6.76
C GLN B 172 -17.48 -6.53 -6.15
N ILE B 173 -16.83 -7.45 -6.86
CA ILE B 173 -16.68 -8.83 -6.40
C ILE B 173 -15.22 -9.21 -6.50
N VAL B 174 -14.69 -9.83 -5.43
CA VAL B 174 -13.33 -10.33 -5.46
C VAL B 174 -13.40 -11.84 -5.50
N ILE B 175 -12.67 -12.44 -6.45
CA ILE B 175 -12.58 -13.91 -6.54
C ILE B 175 -11.22 -14.41 -6.07
N SER B 176 -11.13 -15.72 -5.79
CA SER B 176 -9.96 -16.30 -5.19
C SER B 176 -9.94 -17.81 -5.43
N GLY B 177 -8.74 -18.40 -5.41
CA GLY B 177 -8.60 -19.86 -5.55
C GLY B 177 -7.33 -20.23 -6.27
N GLU B 178 -7.40 -21.31 -7.04
CA GLU B 178 -6.21 -21.83 -7.70
C GLU B 178 -5.83 -20.91 -8.84
N ALA B 179 -4.52 -20.70 -9.04
CA ALA B 179 -4.02 -19.65 -9.95
C ALA B 179 -4.55 -19.71 -11.39
N LYS B 180 -4.44 -20.87 -12.04
CA LYS B 180 -4.95 -21.04 -13.42
C LYS B 180 -6.44 -20.78 -13.55
N ALA B 181 -7.24 -21.28 -12.61
CA ALA B 181 -8.68 -21.05 -12.62
C ALA B 181 -9.03 -19.58 -12.49
N VAL B 182 -8.38 -18.88 -11.55
CA VAL B 182 -8.64 -17.44 -11.36
C VAL B 182 -8.23 -16.64 -12.59
N GLU B 183 -7.07 -16.96 -13.17
CA GLU B 183 -6.62 -16.32 -14.42
C GLU B 183 -7.65 -16.52 -15.57
N THR B 184 -8.17 -17.73 -15.70
CA THR B 184 -9.21 -17.99 -16.70
C THR B 184 -10.48 -17.20 -16.41
N ALA B 185 -10.84 -17.15 -15.12
CA ALA B 185 -12.02 -16.44 -14.68
C ALA B 185 -11.96 -14.95 -15.02
N VAL B 186 -10.77 -14.35 -14.93
CA VAL B 186 -10.58 -12.96 -15.30
C VAL B 186 -10.89 -12.75 -16.79
N GLU B 187 -10.38 -13.65 -17.62
CA GLU B 187 -10.64 -13.57 -19.08
C GLU B 187 -12.14 -13.72 -19.38
N VAL B 188 -12.80 -14.67 -18.72
CA VAL B 188 -14.25 -14.87 -18.88
C VAL B 188 -15.05 -13.66 -18.37
N ALA B 189 -14.64 -13.10 -17.22
CA ALA B 189 -15.32 -11.93 -16.70
C ALA B 189 -15.35 -10.80 -17.70
N SER B 190 -14.21 -10.55 -18.36
CA SER B 190 -14.15 -9.49 -19.36
CA SER B 190 -14.11 -9.52 -19.38
C SER B 190 -15.04 -9.83 -20.56
N GLN B 191 -15.09 -11.09 -20.93
CA GLN B 191 -15.98 -11.50 -22.05
C GLN B 191 -17.44 -11.36 -21.68
N LYS B 192 -17.75 -11.57 -20.40
CA LYS B 192 -19.11 -11.39 -19.89
C LYS B 192 -19.47 -9.92 -19.65
N GLY B 193 -18.52 -9.02 -19.86
CA GLY B 193 -18.83 -7.58 -19.82
C GLY B 193 -18.48 -6.86 -18.54
N ALA B 194 -17.59 -7.45 -17.74
CA ALA B 194 -17.09 -6.76 -16.57
C ALA B 194 -16.45 -5.44 -16.97
N LYS B 195 -16.75 -4.38 -16.22
CA LYS B 195 -16.17 -3.06 -16.45
C LYS B 195 -14.67 -3.06 -16.18
N ARG B 196 -14.25 -3.88 -15.21
CA ARG B 196 -12.85 -4.06 -14.91
C ARG B 196 -12.63 -5.46 -14.35
N ALA B 197 -11.48 -6.05 -14.62
CA ALA B 197 -11.15 -7.39 -14.12
C ALA B 197 -9.64 -7.49 -13.99
N VAL B 198 -9.14 -7.44 -12.76
CA VAL B 198 -7.70 -7.30 -12.54
C VAL B 198 -7.18 -8.47 -11.76
N LEU B 199 -6.28 -9.21 -12.38
CA LEU B 199 -5.64 -10.34 -11.73
C LEU B 199 -4.61 -9.88 -10.72
N LEU B 200 -4.62 -10.55 -9.56
CA LEU B 200 -3.61 -10.34 -8.54
C LEU B 200 -2.87 -11.68 -8.39
N PRO B 201 -1.89 -11.95 -9.28
CA PRO B 201 -1.37 -13.33 -9.38
C PRO B 201 -0.47 -13.84 -8.24
N VAL B 202 0.02 -12.95 -7.38
CA VAL B 202 0.82 -13.38 -6.23
C VAL B 202 0.11 -13.15 -4.88
N SER B 203 -1.17 -12.78 -4.93
CA SER B 203 -1.95 -12.73 -3.69
C SER B 203 -2.13 -14.13 -3.10
N ALA B 204 -2.12 -14.21 -1.76
CA ALA B 204 -2.66 -15.39 -1.09
C ALA B 204 -4.11 -15.51 -1.55
N PRO B 205 -4.62 -16.74 -1.70
CA PRO B 205 -6.00 -16.93 -2.11
C PRO B 205 -6.95 -16.79 -0.93
N PHE B 206 -6.99 -15.58 -0.33
CA PHE B 206 -7.83 -15.37 0.83
C PHE B 206 -9.29 -15.77 0.54
N HIS B 207 -9.98 -16.24 1.57
CA HIS B 207 -11.43 -16.57 1.50
C HIS B 207 -11.74 -17.58 0.42
N SER B 208 -10.85 -18.55 0.29
CA SER B 208 -11.11 -19.74 -0.51
C SER B 208 -10.75 -20.97 0.31
N ALA B 209 -11.11 -22.13 -0.22
CA ALA B 209 -10.83 -23.40 0.47
C ALA B 209 -9.34 -23.63 0.67
N LEU B 210 -8.51 -22.98 -0.16
CA LEU B 210 -7.06 -23.12 -0.05
C LEU B 210 -6.52 -22.60 1.28
N MET B 211 -7.32 -21.77 1.96
CA MET B 211 -6.88 -21.17 3.22
C MET B 211 -7.08 -22.09 4.41
N GLN B 212 -7.46 -23.34 4.16
CA GLN B 212 -7.68 -24.30 5.26
C GLN B 212 -6.61 -24.32 6.37
N PRO B 213 -5.29 -24.30 6.02
CA PRO B 213 -4.29 -24.30 7.10
C PRO B 213 -4.43 -23.13 8.06
N ALA B 214 -4.81 -21.96 7.54
CA ALA B 214 -4.97 -20.79 8.38
C ALA B 214 -6.24 -20.88 9.21
N ALA B 215 -7.28 -21.52 8.67
CA ALA B 215 -8.48 -21.77 9.47
C ALA B 215 -8.13 -22.65 10.67
N ASN B 216 -7.35 -23.71 10.43
CA ASN B 216 -6.95 -24.62 11.51
C ASN B 216 -6.14 -23.85 12.57
N ALA B 217 -5.24 -22.98 12.11
CA ALA B 217 -4.47 -22.13 13.03
C ALA B 217 -5.36 -21.26 13.89
N MET B 218 -6.44 -20.72 13.31
CA MET B 218 -7.30 -19.84 14.09
C MET B 218 -8.17 -20.63 15.06
N LYS B 219 -8.59 -21.83 14.65
CA LYS B 219 -9.36 -22.66 15.57
C LYS B 219 -8.57 -22.89 16.85
N ASN B 220 -7.29 -23.20 16.69
CA ASN B 220 -6.40 -23.42 17.85
C ASN B 220 -6.17 -22.14 18.63
N ALA B 221 -5.89 -21.03 17.96
CA ALA B 221 -5.60 -19.78 18.67
C ALA B 221 -6.80 -19.31 19.48
N LEU B 222 -8.00 -19.44 18.91
CA LEU B 222 -9.19 -18.98 19.61
C LEU B 222 -9.53 -19.81 20.85
N LEU B 223 -9.06 -21.06 20.89
CA LEU B 223 -9.19 -21.87 22.12
C LEU B 223 -8.41 -21.33 23.31
N THR B 224 -7.30 -20.67 23.05
N THR B 224 -7.33 -20.61 23.03
CA THR B 224 -6.44 -20.23 24.13
CA THR B 224 -6.39 -20.20 24.07
C THR B 224 -7.10 -19.05 24.88
C THR B 224 -6.54 -18.75 24.55
N VAL B 225 -7.61 -18.09 24.12
CA VAL B 225 -7.94 -16.76 24.64
C VAL B 225 -9.26 -16.68 25.40
N ASN B 226 -9.26 -15.84 26.41
CA ASN B 226 -10.50 -15.50 27.10
C ASN B 226 -11.45 -14.80 26.15
N LYS B 227 -12.71 -15.17 26.22
CA LYS B 227 -13.70 -14.46 25.42
C LYS B 227 -14.96 -14.19 26.24
N THR B 228 -15.65 -13.11 25.88
CA THR B 228 -16.86 -12.67 26.56
C THR B 228 -17.87 -12.33 25.48
N ALA B 229 -19.15 -12.50 25.75
CA ALA B 229 -20.17 -12.06 24.81
C ALA B 229 -19.99 -10.55 24.49
N PRO B 230 -20.09 -10.18 23.19
CA PRO B 230 -19.94 -8.76 22.83
C PRO B 230 -21.09 -7.95 23.42
N ILE B 231 -20.78 -6.70 23.78
CA ILE B 231 -21.73 -5.83 24.48
C ILE B 231 -22.86 -5.34 23.56
N VAL B 232 -22.58 -5.32 22.26
CA VAL B 232 -23.61 -5.17 21.23
C VAL B 232 -23.29 -6.22 20.16
N PRO B 233 -24.30 -6.62 19.37
CA PRO B 233 -24.06 -7.81 18.53
C PRO B 233 -23.12 -7.55 17.36
N LEU B 234 -22.42 -8.58 16.94
CA LEU B 234 -21.56 -8.54 15.74
C LEU B 234 -22.38 -9.05 14.55
N ILE B 235 -22.46 -8.28 13.47
CA ILE B 235 -23.09 -8.82 12.25
C ILE B 235 -21.98 -9.59 11.52
N ALA B 236 -21.91 -10.90 11.72
CA ALA B 236 -20.77 -11.69 11.22
C ALA B 236 -20.70 -11.80 9.68
N ASN B 237 -19.46 -11.83 9.15
CA ASN B 237 -19.24 -11.92 7.70
C ASN B 237 -19.87 -13.19 7.09
N VAL B 238 -19.90 -14.28 7.85
CA VAL B 238 -20.40 -15.58 7.32
C VAL B 238 -21.92 -15.66 7.45
N SER B 239 -22.44 -15.15 8.57
CA SER B 239 -23.86 -15.43 8.90
C SER B 239 -24.82 -14.29 8.57
N VAL B 240 -24.31 -13.05 8.59
CA VAL B 240 -25.11 -11.84 8.32
C VAL B 240 -26.35 -11.76 9.22
N ILE B 241 -26.14 -12.11 10.48
CA ILE B 241 -27.14 -11.87 11.52
C ILE B 241 -26.45 -11.39 12.78
N PRO B 242 -27.21 -10.79 13.70
CA PRO B 242 -26.56 -10.33 14.94
C PRO B 242 -26.11 -11.49 15.82
N GLU B 243 -24.80 -11.61 16.03
CA GLU B 243 -24.24 -12.69 16.85
C GLU B 243 -23.79 -12.18 18.22
N SER B 244 -24.23 -12.88 19.28
CA SER B 244 -23.82 -12.55 20.63
C SER B 244 -23.27 -13.74 21.43
N ASP B 245 -23.32 -14.96 20.88
CA ASP B 245 -22.85 -16.15 21.58
C ASP B 245 -21.36 -16.35 21.28
N PRO B 246 -20.49 -16.26 22.30
CA PRO B 246 -19.05 -16.39 22.02
C PRO B 246 -18.64 -17.71 21.34
N GLU B 247 -19.28 -18.83 21.70
CA GLU B 247 -19.01 -20.13 21.05
CA GLU B 247 -18.97 -20.09 21.05
C GLU B 247 -19.33 -20.10 19.56
N ARG B 248 -20.50 -19.56 19.22
CA ARG B 248 -20.88 -19.39 17.82
C ARG B 248 -19.95 -18.42 17.07
N ILE B 249 -19.62 -17.32 17.73
CA ILE B 249 -18.72 -16.32 17.12
C ILE B 249 -17.36 -16.93 16.76
N VAL B 250 -16.77 -17.73 17.67
CA VAL B 250 -15.49 -18.39 17.36
CA VAL B 250 -15.48 -18.33 17.32
C VAL B 250 -15.60 -19.34 16.17
N SER B 251 -16.70 -20.11 16.12
CA SER B 251 -16.92 -20.99 14.97
C SER B 251 -17.00 -20.19 13.67
N LEU B 252 -17.75 -19.08 13.71
CA LEU B 252 -17.91 -18.22 12.54
C LEU B 252 -16.59 -17.56 12.11
N LEU B 253 -15.74 -17.20 13.09
CA LEU B 253 -14.43 -16.64 12.74
C LEU B 253 -13.55 -17.65 11.99
N VAL B 254 -13.65 -18.92 12.38
CA VAL B 254 -12.90 -19.99 11.70
C VAL B 254 -13.45 -20.21 10.29
N GLN B 255 -14.78 -20.25 10.17
CA GLN B 255 -15.45 -20.46 8.87
C GLN B 255 -15.12 -19.30 7.92
N GLN B 256 -15.01 -18.12 8.50
CA GLN B 256 -14.72 -16.91 7.71
C GLN B 256 -13.44 -17.04 6.87
N VAL B 257 -12.44 -17.73 7.41
CA VAL B 257 -11.13 -17.78 6.79
C VAL B 257 -11.21 -18.38 5.39
N THR B 258 -12.09 -19.37 5.22
CA THR B 258 -12.19 -20.07 3.91
C THR B 258 -13.40 -19.67 3.09
N GLY B 259 -14.20 -18.76 3.62
CA GLY B 259 -15.52 -18.47 3.04
C GLY B 259 -15.71 -17.02 2.62
N ARG B 260 -16.82 -16.78 1.94
CA ARG B 260 -17.13 -15.46 1.35
C ARG B 260 -17.40 -14.40 2.40
N VAL B 261 -16.81 -13.22 2.21
CA VAL B 261 -17.15 -12.06 3.05
C VAL B 261 -18.42 -11.44 2.48
N ARG B 262 -19.52 -11.56 3.22
CA ARG B 262 -20.81 -11.11 2.71
C ARG B 262 -21.08 -9.64 3.06
N TRP B 263 -20.25 -8.73 2.53
CA TRP B 263 -20.33 -7.35 2.98
C TRP B 263 -21.57 -6.63 2.43
N ARG B 264 -21.88 -6.84 1.15
CA ARG B 264 -23.08 -6.24 0.56
C ARG B 264 -24.32 -6.59 1.43
N GLU B 265 -24.48 -7.88 1.70
CA GLU B 265 -25.61 -8.35 2.50
C GLU B 265 -25.60 -7.79 3.92
N THR B 266 -24.41 -7.60 4.48
CA THR B 266 -24.28 -7.02 5.81
C THR B 266 -24.81 -5.59 5.86
N ILE B 267 -24.38 -4.77 4.91
CA ILE B 267 -24.87 -3.38 4.85
C ILE B 267 -26.37 -3.33 4.57
N GLU B 268 -26.85 -4.19 3.68
CA GLU B 268 -28.30 -4.25 3.45
C GLU B 268 -29.08 -4.69 4.71
N TRP B 269 -28.55 -5.67 5.44
CA TRP B 269 -29.21 -6.17 6.65
C TRP B 269 -29.27 -5.04 7.69
N ILE B 270 -28.13 -4.39 7.93
CA ILE B 270 -28.06 -3.33 8.93
C ILE B 270 -29.06 -2.22 8.61
N SER B 271 -29.09 -1.82 7.33
CA SER B 271 -29.99 -0.74 6.86
C SER B 271 -31.44 -1.08 7.03
N ALA B 272 -31.76 -2.37 6.93
CA ALA B 272 -33.14 -2.84 7.03
C ALA B 272 -33.55 -3.10 8.48
N ASN B 273 -32.61 -2.97 9.41
CA ASN B 273 -32.86 -3.34 10.79
C ASN B 273 -32.62 -2.23 11.78
N GLY B 274 -33.09 -1.04 11.42
CA GLY B 274 -33.16 0.11 12.34
C GLY B 274 -31.96 1.01 12.46
N VAL B 275 -31.10 0.96 11.46
CA VAL B 275 -29.90 1.79 11.43
C VAL B 275 -29.93 2.65 10.18
N ASN B 276 -29.74 3.95 10.36
CA ASN B 276 -29.63 4.89 9.26
C ASN B 276 -28.26 5.57 9.12
N THR B 277 -27.34 5.22 10.02
CA THR B 277 -26.03 5.89 10.03
C THR B 277 -24.91 4.86 10.20
N LEU B 278 -24.02 4.79 9.23
CA LEU B 278 -22.91 3.82 9.26
C LEU B 278 -21.61 4.57 9.45
N PHE B 279 -20.93 4.31 10.56
CA PHE B 279 -19.63 4.91 10.82
C PHE B 279 -18.53 3.94 10.44
N GLU B 280 -17.50 4.45 9.76
CA GLU B 280 -16.30 3.63 9.48
C GLU B 280 -15.19 4.07 10.45
N ILE B 281 -14.79 3.15 11.33
CA ILE B 281 -13.94 3.50 12.46
C ILE B 281 -12.49 3.10 12.15
N GLY B 282 -11.62 4.09 12.00
CA GLY B 282 -10.19 3.82 11.82
C GLY B 282 -9.61 4.44 10.56
N SER B 283 -8.80 3.67 9.83
CA SER B 283 -8.05 4.20 8.68
C SER B 283 -8.85 4.14 7.37
N GLY B 284 -8.87 5.26 6.67
CA GLY B 284 -9.33 5.29 5.26
C GLY B 284 -10.83 5.45 5.10
N LYS B 285 -11.26 5.42 3.85
CA LYS B 285 -12.67 5.65 3.53
C LYS B 285 -13.19 4.55 2.62
N VAL B 286 -12.55 3.38 2.67
CA VAL B 286 -12.94 2.28 1.78
C VAL B 286 -14.37 1.78 2.06
N LEU B 287 -14.69 1.49 3.31
CA LEU B 287 -16.06 0.98 3.59
C LEU B 287 -17.15 2.03 3.33
N THR B 288 -16.83 3.29 3.58
CA THR B 288 -17.76 4.37 3.37
C THR B 288 -18.10 4.45 1.90
N GLY B 289 -17.07 4.30 1.05
CA GLY B 289 -17.28 4.23 -0.40
C GLY B 289 -18.21 3.11 -0.82
N LEU B 290 -18.03 1.93 -0.23
CA LEU B 290 -18.93 0.81 -0.54
C LEU B 290 -20.35 1.06 -0.06
N ALA B 291 -20.49 1.60 1.15
CA ALA B 291 -21.83 1.79 1.75
C ALA B 291 -22.67 2.69 0.85
N ARG B 292 -22.05 3.75 0.32
CA ARG B 292 -22.80 4.72 -0.50
C ARG B 292 -23.25 4.13 -1.83
N ARG B 293 -22.47 3.19 -2.35
CA ARG B 293 -22.84 2.48 -3.57
CA ARG B 293 -22.83 2.49 -3.57
C ARG B 293 -23.92 1.44 -3.31
N ILE B 294 -23.93 0.84 -2.12
CA ILE B 294 -24.91 -0.18 -1.74
C ILE B 294 -26.29 0.44 -1.45
N ASN B 295 -26.29 1.56 -0.75
CA ASN B 295 -27.54 2.18 -0.29
C ASN B 295 -27.40 3.69 -0.36
N LYS B 296 -28.15 4.31 -1.27
CA LYS B 296 -28.07 5.76 -1.48
C LYS B 296 -28.70 6.58 -0.35
N ASP B 297 -29.51 5.96 0.51
CA ASP B 297 -30.25 6.72 1.53
C ASP B 297 -29.56 6.79 2.90
N ILE B 298 -28.67 5.84 3.20
CA ILE B 298 -28.03 5.85 4.52
C ILE B 298 -26.98 6.96 4.57
N LYS B 299 -26.71 7.44 5.77
CA LYS B 299 -25.62 8.39 6.00
C LYS B 299 -24.40 7.55 6.37
N ALA B 300 -23.33 7.72 5.60
CA ALA B 300 -22.11 6.98 5.85
C ALA B 300 -20.97 7.97 6.13
N LEU B 301 -20.34 7.82 7.29
CA LEU B 301 -19.34 8.78 7.77
C LEU B 301 -18.06 8.07 8.16
N THR B 302 -16.91 8.70 7.88
CA THR B 302 -15.59 8.22 8.28
C THR B 302 -15.23 8.80 9.62
N VAL B 303 -14.56 7.99 10.44
CA VAL B 303 -14.11 8.42 11.77
C VAL B 303 -12.66 8.04 11.96
N GLY B 304 -11.78 8.94 11.55
CA GLY B 304 -10.33 8.72 11.64
C GLY B 304 -9.57 9.89 12.22
N THR B 305 -10.11 11.10 12.13
CA THR B 305 -9.39 12.28 12.66
C THR B 305 -10.11 12.80 13.90
N ALA B 306 -9.42 13.67 14.63
CA ALA B 306 -10.02 14.37 15.77
C ALA B 306 -11.33 15.07 15.37
N GLU B 307 -11.33 15.72 14.20
CA GLU B 307 -12.50 16.47 13.75
C GLU B 307 -13.67 15.52 13.47
N GLU B 308 -13.36 14.38 12.83
CA GLU B 308 -14.39 13.40 12.54
C GLU B 308 -14.92 12.74 13.81
N ILE B 309 -14.05 12.54 14.79
CA ILE B 309 -14.47 12.01 16.10
C ILE B 309 -15.51 12.97 16.75
N GLU B 310 -15.16 14.25 16.75
CA GLU B 310 -16.04 15.29 17.28
CA GLU B 310 -16.08 15.25 17.32
C GLU B 310 -17.40 15.26 16.56
N ALA B 311 -17.36 15.21 15.23
CA ALA B 311 -18.59 15.18 14.47
C ALA B 311 -19.39 13.92 14.77
N ALA B 312 -18.72 12.77 14.89
CA ALA B 312 -19.43 11.53 15.16
C ALA B 312 -20.09 11.56 16.52
N LEU B 313 -19.40 12.11 17.51
CA LEU B 313 -19.95 12.16 18.86
C LEU B 313 -21.19 13.06 18.87
N ARG B 314 -21.16 14.11 18.04
CA ARG B 314 -22.30 15.02 17.92
CA ARG B 314 -22.28 15.04 17.90
C ARG B 314 -23.48 14.29 17.31
N VAL B 315 -23.24 13.55 16.22
CA VAL B 315 -24.30 12.83 15.52
C VAL B 315 -24.92 11.78 16.45
N LEU B 316 -24.07 11.14 17.27
CA LEU B 316 -24.52 10.12 18.21
C LEU B 316 -25.22 10.71 19.44
N GLY B 317 -25.19 12.03 19.60
CA GLY B 317 -25.83 12.70 20.74
C GLY B 317 -25.17 12.40 22.07
N VAL B 318 -23.84 12.34 22.07
CA VAL B 318 -23.06 12.09 23.29
C VAL B 318 -23.06 13.30 24.23
#